data_1FL2
#
_entry.id   1FL2
#
_cell.length_a   60.440
_cell.length_b   60.440
_cell.length_c   171.830
_cell.angle_alpha   90.00
_cell.angle_beta   90.00
_cell.angle_gamma   120.00
#
_symmetry.space_group_name_H-M   'P 32 2 1'
#
loop_
_entity.id
_entity.type
_entity.pdbx_description
1 polymer 'ALKYL HYDROPEROXIDE REDUCTASE SUBUNIT F'
2 non-polymer 'SULFATE ION'
3 non-polymer 'FLAVIN-ADENINE DINUCLEOTIDE'
4 water water
#
_entity_poly.entity_id   1
_entity_poly.type   'polypeptide(L)'
_entity_poly.pdbx_seq_one_letter_code
;AYDVLIVGSGPAGAAAAIYSARKGIRTGLMGERFGGQILDTVDIENYISVPKTEGQKLAGALKVHVDEYDVDVIDSQSAS
KLIPAAVEGGLHQIETASGAVLKARSIIVATGAKWRNMNVPGEDQYRTKGVTYCPHCDGPLFKGKRVAVIGGGNSGVEAA
IDLAGIVEHVTLLEFAPEMKADQVLQDKLRSLKNVDIILNAQTTEVKGDGSKVVGLEYRDRVSGDIHNIELAGIFVQIGL
LPNTNWLEGAVERNRMGEIIIDAKCETNVKGVFAAGDCTTVPYKQIIIATGEGAKASLSAFDYLIRTKTA
;
_entity_poly.pdbx_strand_id   A
#
loop_
_chem_comp.id
_chem_comp.type
_chem_comp.name
_chem_comp.formula
FAD non-polymer 'FLAVIN-ADENINE DINUCLEOTIDE' 'C27 H33 N9 O15 P2'
SO4 non-polymer 'SULFATE ION' 'O4 S -2'
#
# COMPACT_ATOMS: atom_id res chain seq x y z
N ALA A 1 -21.66 -19.90 1.35
CA ALA A 1 -21.32 -19.05 2.48
C ALA A 1 -19.98 -19.53 3.02
N TYR A 2 -19.01 -18.67 2.86
CA TYR A 2 -17.68 -18.95 3.33
C TYR A 2 -17.68 -18.74 4.84
N ASP A 3 -16.74 -19.37 5.53
CA ASP A 3 -16.61 -19.11 6.95
C ASP A 3 -15.89 -17.77 7.01
N VAL A 4 -14.94 -17.58 6.11
CA VAL A 4 -14.21 -16.32 5.98
C VAL A 4 -14.03 -15.97 4.49
N LEU A 5 -14.31 -14.72 4.15
CA LEU A 5 -14.11 -14.24 2.79
C LEU A 5 -13.13 -13.07 2.89
N ILE A 6 -11.99 -13.25 2.27
CA ILE A 6 -10.92 -12.27 2.27
C ILE A 6 -10.99 -11.49 0.96
N VAL A 7 -11.11 -10.17 1.08
CA VAL A 7 -11.22 -9.30 -0.08
C VAL A 7 -9.90 -8.60 -0.33
N GLY A 8 -9.25 -8.97 -1.43
CA GLY A 8 -7.95 -8.41 -1.76
C GLY A 8 -6.96 -9.54 -1.67
N SER A 9 -6.14 -9.74 -2.68
CA SER A 9 -5.20 -10.84 -2.65
C SER A 9 -3.72 -10.48 -2.77
N GLY A 10 -3.36 -9.39 -2.09
CA GLY A 10 -1.98 -8.98 -2.02
C GLY A 10 -1.41 -9.78 -0.84
N PRO A 11 -0.26 -9.39 -0.31
CA PRO A 11 0.40 -10.07 0.81
C PRO A 11 -0.53 -10.28 2.02
N ALA A 12 -1.27 -9.24 2.39
CA ALA A 12 -2.16 -9.34 3.55
C ALA A 12 -3.25 -10.39 3.36
N GLY A 13 -3.95 -10.31 2.24
CA GLY A 13 -5.03 -11.24 1.94
C GLY A 13 -4.52 -12.68 1.84
N ALA A 14 -3.38 -12.86 1.19
CA ALA A 14 -2.77 -14.19 1.04
C ALA A 14 -2.40 -14.78 2.39
N ALA A 15 -1.80 -13.96 3.26
CA ALA A 15 -1.41 -14.42 4.60
C ALA A 15 -2.66 -14.85 5.35
N ALA A 16 -3.71 -14.04 5.25
CA ALA A 16 -4.98 -14.33 5.92
C ALA A 16 -5.58 -15.64 5.41
N ALA A 17 -5.46 -15.86 4.10
CA ALA A 17 -6.02 -17.08 3.51
C ALA A 17 -5.29 -18.31 4.01
N ILE A 18 -3.97 -18.21 4.11
CA ILE A 18 -3.15 -19.32 4.58
C ILE A 18 -3.51 -19.61 6.04
N TYR A 19 -3.54 -18.57 6.88
CA TYR A 19 -3.89 -18.77 8.27
C TYR A 19 -5.30 -19.35 8.46
N SER A 20 -6.27 -18.85 7.71
CA SER A 20 -7.65 -19.33 7.80
C SER A 20 -7.84 -20.78 7.35
N ALA A 21 -7.31 -21.10 6.16
CA ALA A 21 -7.48 -22.43 5.59
C ALA A 21 -6.76 -23.47 6.39
N ARG A 22 -5.72 -23.05 7.11
CA ARG A 22 -4.98 -23.97 7.97
C ARG A 22 -5.85 -24.46 9.15
N LYS A 23 -6.92 -23.74 9.44
CA LYS A 23 -7.85 -24.16 10.50
C LYS A 23 -9.00 -25.02 9.93
N GLY A 24 -8.95 -25.30 8.64
CA GLY A 24 -9.94 -26.14 8.01
C GLY A 24 -11.26 -25.51 7.66
N ILE A 25 -11.38 -24.20 7.87
CA ILE A 25 -12.63 -23.50 7.58
C ILE A 25 -12.78 -23.14 6.11
N ARG A 26 -14.02 -22.88 5.68
CA ARG A 26 -14.27 -22.55 4.29
C ARG A 26 -13.74 -21.16 4.06
N THR A 27 -12.68 -21.10 3.28
CA THR A 27 -11.96 -19.86 3.04
C THR A 27 -12.01 -19.39 1.60
N GLY A 28 -12.49 -18.17 1.41
CA GLY A 28 -12.53 -17.57 0.08
C GLY A 28 -11.56 -16.41 0.04
N LEU A 29 -10.84 -16.27 -1.07
CA LEU A 29 -9.88 -15.20 -1.25
C LEU A 29 -10.24 -14.58 -2.59
N MET A 30 -10.86 -13.40 -2.54
CA MET A 30 -11.29 -12.72 -3.76
C MET A 30 -10.51 -11.43 -3.95
N GLY A 31 -9.79 -11.33 -5.05
CA GLY A 31 -9.01 -10.13 -5.31
C GLY A 31 -8.98 -9.79 -6.78
N GLU A 32 -8.54 -8.58 -7.09
CA GLU A 32 -8.45 -8.13 -8.47
C GLU A 32 -7.29 -8.78 -9.19
N ARG A 33 -6.12 -8.82 -8.56
CA ARG A 33 -4.93 -9.42 -9.16
C ARG A 33 -4.09 -10.02 -8.03
N PHE A 34 -3.93 -11.34 -8.05
CA PHE A 34 -3.17 -11.98 -6.99
C PHE A 34 -1.75 -11.43 -6.87
N GLY A 35 -1.34 -11.11 -5.65
CA GLY A 35 0.01 -10.59 -5.44
C GLY A 35 0.02 -9.12 -5.06
N GLY A 36 -1.03 -8.41 -5.43
CA GLY A 36 -1.11 -7.00 -5.10
C GLY A 36 0.01 -6.14 -5.62
N GLN A 37 0.45 -5.19 -4.80
CA GLN A 37 1.49 -4.27 -5.23
C GLN A 37 2.83 -4.87 -5.53
N ILE A 38 3.14 -6.04 -4.97
CA ILE A 38 4.44 -6.63 -5.20
C ILE A 38 4.64 -7.04 -6.65
N LEU A 39 3.54 -7.18 -7.38
CA LEU A 39 3.59 -7.57 -8.80
C LEU A 39 4.33 -6.54 -9.63
N ASP A 40 4.23 -5.26 -9.26
CA ASP A 40 4.99 -4.25 -10.04
C ASP A 40 6.33 -3.84 -9.57
N THR A 41 6.92 -4.63 -8.69
CA THR A 41 8.24 -4.24 -8.29
C THR A 41 9.17 -5.36 -8.58
N VAL A 42 10.45 -5.03 -8.62
CA VAL A 42 11.46 -6.03 -8.92
C VAL A 42 12.14 -6.43 -7.62
N ASP A 43 13.36 -5.96 -7.38
CA ASP A 43 14.11 -6.26 -6.15
C ASP A 43 13.45 -5.93 -4.77
N ILE A 44 13.30 -6.94 -3.94
CA ILE A 44 12.74 -6.73 -2.61
C ILE A 44 13.82 -7.25 -1.67
N GLU A 45 14.31 -6.37 -0.79
CA GLU A 45 15.38 -6.73 0.14
C GLU A 45 15.01 -6.61 1.60
N ASN A 46 13.74 -6.36 1.89
CA ASN A 46 13.32 -6.24 3.28
C ASN A 46 12.22 -7.23 3.70
N TYR A 47 12.01 -8.28 2.91
CA TYR A 47 11.05 -9.31 3.33
C TYR A 47 11.93 -10.18 4.23
N ILE A 48 11.80 -9.92 5.53
CA ILE A 48 12.59 -10.56 6.58
C ILE A 48 12.86 -12.07 6.41
N SER A 49 14.16 -12.40 6.39
CA SER A 49 14.74 -13.73 6.23
C SER A 49 15.15 -14.02 4.79
N VAL A 50 14.70 -13.18 3.88
CA VAL A 50 15.01 -13.31 2.47
C VAL A 50 15.83 -12.09 2.10
N PRO A 51 17.17 -12.24 2.06
CA PRO A 51 18.04 -11.10 1.73
C PRO A 51 17.65 -10.41 0.43
N LYS A 52 17.24 -11.21 -0.55
CA LYS A 52 16.82 -10.64 -1.82
C LYS A 52 15.90 -11.53 -2.62
N THR A 53 14.80 -10.94 -3.05
CA THR A 53 13.86 -11.65 -3.90
C THR A 53 13.26 -10.58 -4.79
N GLU A 54 12.26 -10.95 -5.59
CA GLU A 54 11.58 -9.98 -6.46
C GLU A 54 10.10 -10.22 -6.46
N GLY A 55 9.36 -9.18 -6.85
CA GLY A 55 7.92 -9.24 -6.89
C GLY A 55 7.29 -10.43 -7.56
N GLN A 56 7.72 -10.73 -8.79
CA GLN A 56 7.17 -11.85 -9.55
C GLN A 56 7.41 -13.16 -8.80
N LYS A 57 8.64 -13.38 -8.37
CA LYS A 57 9.01 -14.58 -7.62
C LYS A 57 8.21 -14.67 -6.30
N LEU A 58 8.16 -13.57 -5.56
CA LEU A 58 7.44 -13.53 -4.28
C LEU A 58 5.94 -13.76 -4.46
N ALA A 59 5.30 -13.10 -5.43
CA ALA A 59 3.87 -13.33 -5.68
C ALA A 59 3.66 -14.80 -6.07
N GLY A 60 4.62 -15.36 -6.79
CA GLY A 60 4.51 -16.76 -7.18
C GLY A 60 4.60 -17.66 -5.95
N ALA A 61 5.51 -17.32 -5.04
CA ALA A 61 5.69 -18.11 -3.82
C ALA A 61 4.47 -17.97 -2.92
N LEU A 62 3.88 -16.78 -2.90
CA LEU A 62 2.67 -16.56 -2.10
C LEU A 62 1.54 -17.43 -2.63
N LYS A 63 1.41 -17.50 -3.96
CA LYS A 63 0.35 -18.34 -4.54
C LYS A 63 0.54 -19.83 -4.22
N VAL A 64 1.77 -20.30 -4.33
CA VAL A 64 2.09 -21.70 -4.02
C VAL A 64 1.72 -21.99 -2.57
N HIS A 65 2.07 -21.06 -1.67
CA HIS A 65 1.77 -21.25 -0.27
C HIS A 65 0.26 -21.30 -0.02
N VAL A 66 -0.48 -20.41 -0.68
CA VAL A 66 -1.93 -20.39 -0.52
C VAL A 66 -2.50 -21.69 -1.05
N ASP A 67 -2.00 -22.12 -2.20
CA ASP A 67 -2.49 -23.35 -2.82
C ASP A 67 -2.16 -24.65 -2.10
N GLU A 68 -1.34 -24.57 -1.05
CA GLU A 68 -1.03 -25.75 -0.25
C GLU A 68 -2.25 -26.06 0.60
N TYR A 69 -3.14 -25.09 0.73
CA TYR A 69 -4.32 -25.27 1.55
C TYR A 69 -5.61 -25.18 0.76
N ASP A 70 -6.72 -25.51 1.40
CA ASP A 70 -8.03 -25.49 0.75
C ASP A 70 -8.56 -24.06 0.75
N VAL A 71 -8.12 -23.30 -0.25
CA VAL A 71 -8.55 -21.91 -0.39
C VAL A 71 -9.17 -21.74 -1.76
N ASP A 72 -10.35 -21.14 -1.80
CA ASP A 72 -10.99 -20.87 -3.05
C ASP A 72 -10.48 -19.51 -3.50
N VAL A 73 -9.53 -19.53 -4.44
CA VAL A 73 -8.97 -18.30 -4.95
C VAL A 73 -9.81 -17.81 -6.15
N ILE A 74 -10.34 -16.61 -6.01
CA ILE A 74 -11.16 -15.93 -7.01
C ILE A 74 -10.31 -14.72 -7.45
N ASP A 75 -10.04 -14.63 -8.74
CA ASP A 75 -9.22 -13.52 -9.26
C ASP A 75 -9.99 -12.67 -10.28
N SER A 76 -9.53 -11.44 -10.50
CA SER A 76 -10.17 -10.51 -11.43
C SER A 76 -11.57 -10.08 -11.00
N GLN A 77 -11.82 -9.98 -9.70
CA GLN A 77 -13.11 -9.52 -9.20
C GLN A 77 -12.90 -8.37 -8.23
N SER A 78 -13.72 -7.33 -8.34
CA SER A 78 -13.62 -6.17 -7.46
C SER A 78 -14.85 -6.03 -6.56
N ALA A 79 -14.62 -6.01 -5.25
CA ALA A 79 -15.70 -5.84 -4.30
C ALA A 79 -16.20 -4.41 -4.48
N SER A 80 -17.52 -4.27 -4.59
CA SER A 80 -18.14 -2.97 -4.80
C SER A 80 -19.02 -2.53 -3.63
N LYS A 81 -19.40 -3.47 -2.77
CA LYS A 81 -20.21 -3.10 -1.61
C LYS A 81 -20.16 -4.20 -0.55
N LEU A 82 -20.23 -3.77 0.71
CA LEU A 82 -20.30 -4.67 1.85
C LEU A 82 -21.67 -4.46 2.47
N ILE A 83 -22.44 -5.54 2.60
CA ILE A 83 -23.74 -5.45 3.25
C ILE A 83 -23.54 -6.17 4.56
N PRO A 84 -23.47 -5.42 5.66
CA PRO A 84 -23.28 -5.99 6.99
C PRO A 84 -24.48 -6.85 7.37
N ALA A 85 -24.21 -7.98 8.01
CA ALA A 85 -25.27 -8.88 8.47
C ALA A 85 -26.27 -8.03 9.24
N ALA A 86 -27.56 -8.23 8.94
CA ALA A 86 -28.62 -7.45 9.55
C ALA A 86 -28.83 -7.81 11.02
N VAL A 87 -28.57 -9.06 11.33
CA VAL A 87 -28.69 -9.58 12.68
C VAL A 87 -27.37 -10.18 13.15
N GLU A 88 -27.16 -10.14 14.46
CA GLU A 88 -25.98 -10.68 15.10
C GLU A 88 -25.79 -12.14 14.71
N GLY A 89 -24.59 -12.48 14.24
CA GLY A 89 -24.31 -13.84 13.82
C GLY A 89 -24.79 -14.14 12.40
N GLY A 90 -25.46 -13.17 11.77
CA GLY A 90 -25.91 -13.39 10.41
C GLY A 90 -24.77 -13.33 9.39
N LEU A 91 -25.06 -13.64 8.13
CA LEU A 91 -24.05 -13.60 7.08
C LEU A 91 -23.80 -12.20 6.53
N HIS A 92 -22.52 -11.90 6.31
CA HIS A 92 -22.11 -10.63 5.73
C HIS A 92 -22.08 -10.87 4.23
N GLN A 93 -22.25 -9.82 3.43
CA GLN A 93 -22.24 -10.01 1.98
C GLN A 93 -21.31 -9.06 1.28
N ILE A 94 -20.67 -9.56 0.25
CA ILE A 94 -19.78 -8.75 -0.57
C ILE A 94 -20.33 -8.78 -1.99
N GLU A 95 -20.68 -7.62 -2.52
CA GLU A 95 -21.16 -7.52 -3.89
C GLU A 95 -19.94 -7.19 -4.73
N THR A 96 -19.97 -7.55 -6.02
CA THR A 96 -18.85 -7.26 -6.91
C THR A 96 -19.29 -6.34 -8.05
N ALA A 97 -18.31 -5.67 -8.66
CA ALA A 97 -18.57 -4.76 -9.80
C ALA A 97 -19.14 -5.54 -10.98
N SER A 98 -18.74 -6.79 -11.10
CA SER A 98 -19.22 -7.61 -12.21
C SER A 98 -20.66 -8.07 -12.00
N GLY A 99 -21.22 -7.88 -10.80
CA GLY A 99 -22.62 -8.24 -10.59
C GLY A 99 -22.93 -9.44 -9.70
N ALA A 100 -21.89 -9.95 -9.04
CA ALA A 100 -22.06 -11.11 -8.15
C ALA A 100 -22.20 -10.66 -6.71
N VAL A 101 -22.67 -11.58 -5.87
CA VAL A 101 -22.77 -11.28 -4.43
C VAL A 101 -22.30 -12.56 -3.75
N LEU A 102 -21.41 -12.40 -2.79
CA LEU A 102 -20.89 -13.56 -2.05
C LEU A 102 -21.24 -13.41 -0.58
N LYS A 103 -21.52 -14.53 0.08
CA LYS A 103 -21.90 -14.50 1.49
C LYS A 103 -20.83 -15.15 2.35
N ALA A 104 -20.66 -14.64 3.55
CA ALA A 104 -19.67 -15.17 4.48
C ALA A 104 -19.97 -14.82 5.91
N ARG A 105 -19.58 -15.70 6.82
CA ARG A 105 -19.76 -15.49 8.25
C ARG A 105 -18.82 -14.42 8.76
N SER A 106 -17.66 -14.28 8.12
CA SER A 106 -16.71 -13.25 8.52
C SER A 106 -16.04 -12.72 7.26
N ILE A 107 -15.60 -11.47 7.35
CA ILE A 107 -14.96 -10.81 6.22
C ILE A 107 -13.65 -10.23 6.67
N ILE A 108 -12.64 -10.33 5.81
CA ILE A 108 -11.37 -9.71 6.07
C ILE A 108 -11.09 -8.85 4.83
N VAL A 109 -11.13 -7.53 5.01
CA VAL A 109 -10.84 -6.59 3.93
C VAL A 109 -9.33 -6.35 3.91
N ALA A 110 -8.71 -6.59 2.76
CA ALA A 110 -7.27 -6.44 2.59
C ALA A 110 -7.02 -5.95 1.17
N THR A 111 -7.71 -4.87 0.84
CA THR A 111 -7.67 -4.26 -0.48
C THR A 111 -6.49 -3.33 -0.77
N GLY A 112 -5.63 -3.16 0.22
CA GLY A 112 -4.45 -2.32 0.05
C GLY A 112 -4.71 -0.87 -0.30
N ALA A 113 -3.80 -0.30 -1.08
CA ALA A 113 -3.89 1.09 -1.44
C ALA A 113 -3.12 1.34 -2.72
N LYS A 114 -3.23 2.56 -3.22
CA LYS A 114 -2.54 2.99 -4.42
C LYS A 114 -1.77 4.24 -4.08
N TRP A 115 -0.46 4.26 -4.40
CA TRP A 115 0.35 5.45 -4.16
C TRP A 115 0.06 6.30 -5.36
N ARG A 116 -0.22 7.57 -5.11
CA ARG A 116 -0.50 8.50 -6.17
C ARG A 116 0.69 8.64 -7.09
N ASN A 117 0.44 8.81 -8.38
CA ASN A 117 1.49 8.95 -9.37
C ASN A 117 1.73 10.39 -9.72
N MET A 118 2.89 10.65 -10.32
CA MET A 118 3.20 11.99 -10.78
C MET A 118 2.37 12.25 -12.04
N ASN A 119 2.07 11.18 -12.78
CA ASN A 119 1.30 11.25 -14.03
C ASN A 119 2.00 12.13 -15.05
N VAL A 120 3.26 11.79 -15.30
CA VAL A 120 4.07 12.53 -16.25
C VAL A 120 4.76 11.53 -17.18
N PRO A 121 5.10 11.98 -18.40
CA PRO A 121 5.79 11.05 -19.31
C PRO A 121 7.12 10.62 -18.69
N GLY A 122 7.48 9.35 -18.92
CA GLY A 122 8.71 8.82 -18.38
C GLY A 122 8.53 8.04 -17.06
N GLU A 123 7.46 8.38 -16.33
CA GLU A 123 7.20 7.74 -15.05
C GLU A 123 7.05 6.25 -15.16
N ASP A 124 6.18 5.77 -16.04
CA ASP A 124 6.03 4.34 -16.19
C ASP A 124 7.28 3.69 -16.69
N GLN A 125 7.86 4.30 -17.70
CA GLN A 125 9.05 3.74 -18.32
C GLN A 125 10.13 3.47 -17.30
N TYR A 126 10.26 4.39 -16.34
CA TYR A 126 11.29 4.26 -15.33
C TYR A 126 10.95 3.66 -13.97
N ARG A 127 9.74 3.15 -13.83
CA ARG A 127 9.33 2.50 -12.60
C ARG A 127 10.29 1.31 -12.43
N THR A 128 10.84 1.16 -11.22
CA THR A 128 11.80 0.10 -10.88
C THR A 128 13.21 0.36 -11.46
N LYS A 129 13.34 1.45 -12.22
CA LYS A 129 14.61 1.84 -12.82
C LYS A 129 14.98 3.26 -12.40
N GLY A 130 14.59 3.62 -11.18
CA GLY A 130 14.88 4.96 -10.68
C GLY A 130 13.64 5.62 -10.09
N VAL A 131 12.46 5.33 -10.65
CA VAL A 131 11.22 5.87 -10.10
C VAL A 131 10.76 4.88 -9.04
N THR A 132 10.55 5.37 -7.84
CA THR A 132 10.15 4.49 -6.74
C THR A 132 9.11 5.18 -5.88
N TYR A 133 8.23 4.40 -5.25
CA TYR A 133 7.17 4.93 -4.41
C TYR A 133 7.37 4.50 -2.98
N CYS A 134 8.57 3.99 -2.68
CA CYS A 134 8.85 3.49 -1.35
C CYS A 134 10.25 3.76 -0.80
N PRO A 135 10.40 4.83 -0.02
CA PRO A 135 11.67 5.23 0.60
C PRO A 135 12.24 4.10 1.49
N HIS A 136 11.37 3.42 2.24
CA HIS A 136 11.85 2.35 3.11
C HIS A 136 12.47 1.22 2.33
N CYS A 137 11.88 0.96 1.16
CA CYS A 137 12.32 -0.11 0.29
C CYS A 137 13.61 0.18 -0.47
N ASP A 138 13.66 1.33 -1.13
CA ASP A 138 14.80 1.64 -1.98
C ASP A 138 15.87 2.62 -1.52
N GLY A 139 15.67 3.21 -0.35
CA GLY A 139 16.65 4.14 0.17
C GLY A 139 18.09 3.62 0.12
N PRO A 140 18.34 2.37 0.57
CA PRO A 140 19.67 1.78 0.58
C PRO A 140 20.33 1.66 -0.77
N LEU A 141 19.55 1.83 -1.85
CA LEU A 141 20.11 1.68 -3.18
C LEU A 141 20.68 2.96 -3.78
N PHE A 142 20.58 4.06 -3.07
CA PHE A 142 21.05 5.34 -3.59
C PHE A 142 22.23 5.99 -2.88
N LYS A 143 23.08 5.19 -2.26
CA LYS A 143 24.25 5.72 -1.58
C LYS A 143 25.13 6.46 -2.59
N GLY A 144 25.54 7.67 -2.23
CA GLY A 144 26.35 8.48 -3.10
C GLY A 144 25.64 9.06 -4.32
N LYS A 145 24.33 8.93 -4.40
CA LYS A 145 23.60 9.46 -5.55
C LYS A 145 22.66 10.59 -5.17
N ARG A 146 22.21 11.35 -6.18
CA ARG A 146 21.30 12.46 -5.95
C ARG A 146 19.90 11.93 -6.25
N VAL A 147 18.94 12.32 -5.42
CA VAL A 147 17.58 11.85 -5.60
C VAL A 147 16.60 12.98 -5.32
N ALA A 148 15.34 12.73 -5.67
CA ALA A 148 14.27 13.68 -5.39
C ALA A 148 13.19 12.96 -4.61
N VAL A 149 12.46 13.72 -3.80
CA VAL A 149 11.29 13.20 -3.10
C VAL A 149 10.16 14.11 -3.57
N ILE A 150 9.09 13.52 -4.09
CA ILE A 150 7.96 14.33 -4.55
C ILE A 150 6.89 14.27 -3.45
N GLY A 151 6.55 15.42 -2.88
CA GLY A 151 5.55 15.46 -1.82
C GLY A 151 6.11 16.01 -0.54
N GLY A 152 5.43 17.03 0.00
CA GLY A 152 5.86 17.68 1.23
C GLY A 152 4.98 17.43 2.45
N GLY A 153 4.28 16.29 2.45
CA GLY A 153 3.46 15.93 3.61
C GLY A 153 4.40 15.17 4.54
N ASN A 154 3.88 14.64 5.65
CA ASN A 154 4.73 13.91 6.56
C ASN A 154 5.54 12.81 5.88
N SER A 155 4.90 12.02 5.02
CA SER A 155 5.58 10.93 4.34
C SER A 155 6.79 11.38 3.53
N GLY A 156 6.58 12.39 2.68
CA GLY A 156 7.66 12.91 1.84
C GLY A 156 8.78 13.57 2.64
N VAL A 157 8.42 14.44 3.58
CA VAL A 157 9.43 15.12 4.38
C VAL A 157 10.27 14.12 5.19
N GLU A 158 9.60 13.13 5.80
CA GLU A 158 10.31 12.10 6.55
C GLU A 158 11.21 11.31 5.62
N ALA A 159 10.70 11.02 4.43
CA ALA A 159 11.47 10.28 3.45
C ALA A 159 12.74 11.06 3.07
N ALA A 160 12.60 12.37 2.87
CA ALA A 160 13.73 13.21 2.50
C ALA A 160 14.78 13.24 3.62
N ILE A 161 14.31 13.35 4.86
CA ILE A 161 15.23 13.34 6.00
C ILE A 161 15.98 12.01 6.05
N ASP A 162 15.21 10.93 5.88
CA ASP A 162 15.69 9.54 5.88
C ASP A 162 16.77 9.40 4.80
N LEU A 163 16.40 9.72 3.56
CA LEU A 163 17.34 9.64 2.45
C LEU A 163 18.56 10.53 2.62
N ALA A 164 18.38 11.74 3.15
CA ALA A 164 19.53 12.65 3.36
C ALA A 164 20.65 12.01 4.20
N GLY A 165 20.27 11.09 5.08
CA GLY A 165 21.27 10.43 5.89
C GLY A 165 21.98 9.27 5.18
N ILE A 166 21.47 8.91 4.01
CA ILE A 166 22.00 7.80 3.22
C ILE A 166 22.57 8.21 1.86
N VAL A 167 21.91 9.15 1.19
CA VAL A 167 22.33 9.55 -0.15
C VAL A 167 23.16 10.83 -0.19
N GLU A 168 23.69 11.18 -1.36
CA GLU A 168 24.51 12.37 -1.55
C GLU A 168 23.69 13.66 -1.38
N HIS A 169 22.58 13.74 -2.08
CA HIS A 169 21.76 14.95 -2.02
C HIS A 169 20.30 14.61 -2.24
N VAL A 170 19.40 15.38 -1.62
CA VAL A 170 17.96 15.17 -1.78
C VAL A 170 17.28 16.50 -2.14
N THR A 171 16.41 16.45 -3.13
CA THR A 171 15.63 17.62 -3.48
C THR A 171 14.16 17.23 -3.27
N LEU A 172 13.47 17.97 -2.42
CA LEU A 172 12.06 17.68 -2.18
C LEU A 172 11.26 18.71 -2.97
N LEU A 173 10.33 18.23 -3.79
CA LEU A 173 9.46 19.13 -4.56
C LEU A 173 8.08 19.07 -3.97
N GLU A 174 7.59 20.24 -3.60
CA GLU A 174 6.27 20.40 -3.01
C GLU A 174 5.42 21.20 -4.00
N PHE A 175 4.29 20.63 -4.40
CA PHE A 175 3.36 21.25 -5.35
C PHE A 175 2.81 22.58 -4.83
N ALA A 176 2.46 22.61 -3.55
CA ALA A 176 1.88 23.78 -2.91
C ALA A 176 2.90 24.86 -2.53
N PRO A 177 2.42 26.03 -2.08
CA PRO A 177 3.30 27.13 -1.68
C PRO A 177 3.96 26.80 -0.37
N GLU A 178 3.38 25.80 0.31
CA GLU A 178 3.93 25.33 1.58
C GLU A 178 3.78 23.84 1.82
N MET A 179 4.69 23.29 2.61
CA MET A 179 4.64 21.86 2.94
C MET A 179 3.57 21.66 4.02
N LYS A 180 2.88 20.52 3.98
CA LYS A 180 1.86 20.23 4.98
C LYS A 180 2.40 19.39 6.14
N ALA A 181 3.63 18.91 6.01
CA ALA A 181 4.22 18.08 7.06
C ALA A 181 4.29 18.84 8.38
N ASP A 182 4.31 18.10 9.49
CA ASP A 182 4.41 18.68 10.84
C ASP A 182 5.60 19.61 10.87
N GLN A 183 5.47 20.72 11.60
CA GLN A 183 6.52 21.71 11.68
C GLN A 183 7.86 21.13 12.12
N VAL A 184 7.84 20.21 13.08
CA VAL A 184 9.09 19.61 13.53
C VAL A 184 9.83 18.91 12.37
N LEU A 185 9.08 18.27 11.48
CA LEU A 185 9.68 17.58 10.34
C LEU A 185 10.25 18.61 9.37
N GLN A 186 9.47 19.65 9.10
CA GLN A 186 9.91 20.72 8.23
C GLN A 186 11.20 21.35 8.74
N ASP A 187 11.26 21.64 10.03
CA ASP A 187 12.45 22.25 10.62
C ASP A 187 13.65 21.32 10.48
N LYS A 188 13.44 20.03 10.75
CA LYS A 188 14.53 19.05 10.65
C LYS A 188 15.05 19.00 9.21
N LEU A 189 14.13 18.86 8.26
CA LEU A 189 14.53 18.79 6.85
C LEU A 189 15.31 20.03 6.42
N ARG A 190 14.79 21.20 6.74
CA ARG A 190 15.46 22.45 6.37
C ARG A 190 16.83 22.59 7.01
N SER A 191 17.05 21.89 8.11
CA SER A 191 18.34 21.96 8.80
C SER A 191 19.43 21.09 8.19
N LEU A 192 19.09 20.26 7.20
CA LEU A 192 20.09 19.38 6.59
C LEU A 192 20.86 20.04 5.46
N LYS A 193 22.18 19.90 5.48
CA LYS A 193 23.02 20.55 4.48
C LYS A 193 22.92 20.03 3.04
N ASN A 194 22.58 18.75 2.88
CA ASN A 194 22.50 18.13 1.56
C ASN A 194 21.07 18.01 1.04
N VAL A 195 20.23 18.96 1.40
CA VAL A 195 18.85 18.96 0.99
C VAL A 195 18.45 20.34 0.47
N ASP A 196 17.69 20.33 -0.59
CA ASP A 196 17.13 21.56 -1.14
C ASP A 196 15.65 21.26 -1.44
N ILE A 197 14.84 22.19 -0.94
CA ILE A 197 13.37 22.15 -1.02
C ILE A 197 12.86 23.13 -2.04
N ILE A 198 12.04 22.63 -2.97
CA ILE A 198 11.48 23.48 -3.99
C ILE A 198 9.97 23.48 -3.80
N LEU A 199 9.42 24.66 -3.50
CA LEU A 199 7.99 24.86 -3.30
C LEU A 199 7.35 25.28 -4.65
N ASN A 200 6.03 25.18 -4.75
CA ASN A 200 5.31 25.54 -5.98
C ASN A 200 5.87 24.75 -7.14
N ALA A 201 6.29 23.51 -6.88
CA ALA A 201 6.92 22.70 -7.91
C ALA A 201 6.07 21.54 -8.40
N GLN A 202 5.84 21.50 -9.70
CA GLN A 202 5.04 20.44 -10.28
C GLN A 202 5.90 19.67 -11.28
N THR A 203 6.15 18.39 -11.03
CA THR A 203 7.00 17.66 -11.96
C THR A 203 6.25 17.53 -13.29
N THR A 204 7.01 17.57 -14.37
CA THR A 204 6.44 17.51 -15.70
C THR A 204 7.00 16.36 -16.52
N GLU A 205 8.15 15.84 -16.11
CA GLU A 205 8.76 14.74 -16.85
C GLU A 205 9.89 14.01 -16.14
N VAL A 206 9.95 12.70 -16.33
CA VAL A 206 11.01 11.87 -15.78
C VAL A 206 11.93 11.55 -16.95
N LYS A 207 13.22 11.87 -16.82
CA LYS A 207 14.18 11.62 -17.88
C LYS A 207 15.12 10.50 -17.50
N GLY A 208 15.44 9.67 -18.48
CA GLY A 208 16.35 8.55 -18.28
C GLY A 208 17.31 8.43 -19.44
N ASP A 209 18.13 7.39 -19.42
CA ASP A 209 19.08 7.16 -20.51
C ASP A 209 18.66 5.95 -21.35
N GLY A 210 17.39 5.56 -21.23
CA GLY A 210 16.90 4.41 -21.96
C GLY A 210 16.84 3.17 -21.07
N SER A 211 17.53 3.28 -19.93
CA SER A 211 17.59 2.19 -18.95
C SER A 211 17.23 2.65 -17.53
N LYS A 212 17.81 3.76 -17.11
CA LYS A 212 17.53 4.27 -15.77
C LYS A 212 17.37 5.78 -15.73
N VAL A 213 16.82 6.27 -14.63
CA VAL A 213 16.59 7.70 -14.43
C VAL A 213 17.89 8.48 -14.40
N VAL A 214 17.88 9.68 -15.01
CA VAL A 214 19.05 10.58 -15.02
C VAL A 214 18.65 12.00 -14.64
N GLY A 215 17.35 12.26 -14.61
CA GLY A 215 16.90 13.60 -14.27
C GLY A 215 15.40 13.74 -14.13
N LEU A 216 15.01 14.93 -13.76
CA LEU A 216 13.62 15.26 -13.54
C LEU A 216 13.40 16.69 -14.05
N GLU A 217 12.27 16.91 -14.71
CA GLU A 217 11.90 18.23 -15.18
C GLU A 217 10.64 18.61 -14.39
N TYR A 218 10.52 19.87 -14.00
CA TYR A 218 9.31 20.30 -13.32
C TYR A 218 9.03 21.73 -13.72
N ARG A 219 7.82 22.17 -13.38
CA ARG A 219 7.38 23.52 -13.68
C ARG A 219 7.14 24.26 -12.38
N ASP A 220 7.57 25.53 -12.36
CA ASP A 220 7.33 26.38 -11.21
C ASP A 220 5.89 26.87 -11.45
N ARG A 221 4.98 26.57 -10.53
CA ARG A 221 3.58 26.95 -10.69
C ARG A 221 3.29 28.45 -10.63
N VAL A 222 4.20 29.23 -10.04
CA VAL A 222 3.99 30.66 -9.94
C VAL A 222 4.34 31.39 -11.23
N SER A 223 5.53 31.14 -11.75
CA SER A 223 6.01 31.78 -12.96
C SER A 223 5.72 30.97 -14.21
N GLY A 224 5.54 29.67 -14.05
CA GLY A 224 5.32 28.79 -15.18
C GLY A 224 6.63 28.31 -15.79
N ASP A 225 7.75 28.79 -15.27
CA ASP A 225 9.08 28.40 -15.77
C ASP A 225 9.41 26.94 -15.55
N ILE A 226 10.04 26.34 -16.55
CA ILE A 226 10.43 24.94 -16.50
C ILE A 226 11.89 24.80 -16.08
N HIS A 227 12.16 23.83 -15.22
CA HIS A 227 13.49 23.58 -14.71
C HIS A 227 13.82 22.08 -14.76
N ASN A 228 15.11 21.81 -14.72
CA ASN A 228 15.62 20.45 -14.75
C ASN A 228 16.55 20.21 -13.56
N ILE A 229 16.55 18.99 -13.11
CA ILE A 229 17.42 18.55 -12.01
C ILE A 229 18.05 17.23 -12.43
N GLU A 230 19.35 17.08 -12.22
CA GLU A 230 20.03 15.83 -12.52
C GLU A 230 19.77 14.90 -11.34
N LEU A 231 19.37 13.66 -11.62
CA LEU A 231 19.40 12.79 -10.30
C LEU A 231 19.25 11.34 -10.77
N ALA A 232 19.42 10.41 -9.84
CA ALA A 232 19.34 8.98 -10.12
C ALA A 232 18.06 8.33 -9.59
N GLY A 233 17.38 9.00 -8.66
CA GLY A 233 16.19 8.43 -8.08
C GLY A 233 15.13 9.45 -7.80
N ILE A 234 13.88 9.02 -7.96
CA ILE A 234 12.73 9.86 -7.74
C ILE A 234 11.78 9.05 -6.86
N PHE A 235 11.63 9.48 -5.61
CA PHE A 235 10.74 8.84 -4.64
C PHE A 235 9.44 9.61 -4.62
N VAL A 236 8.38 8.99 -5.11
CA VAL A 236 7.08 9.65 -5.19
C VAL A 236 6.31 9.43 -3.90
N GLN A 237 6.09 10.51 -3.19
CA GLN A 237 5.40 10.44 -1.90
C GLN A 237 4.30 11.51 -1.86
N ILE A 238 3.48 11.52 -2.90
CA ILE A 238 2.40 12.47 -3.00
C ILE A 238 1.29 12.12 -2.00
N GLY A 239 0.98 10.83 -1.93
CA GLY A 239 -0.06 10.39 -1.02
C GLY A 239 -0.47 8.97 -1.32
N LEU A 240 -1.07 8.33 -0.33
CA LEU A 240 -1.53 6.97 -0.46
C LEU A 240 -3.05 6.99 -0.42
N LEU A 241 -3.69 6.29 -1.35
CA LEU A 241 -5.14 6.25 -1.40
C LEU A 241 -5.61 4.82 -1.14
N PRO A 242 -6.08 4.54 0.08
CA PRO A 242 -6.56 3.20 0.43
C PRO A 242 -7.73 2.82 -0.49
N ASN A 243 -7.74 1.58 -0.96
CA ASN A 243 -8.83 1.08 -1.82
C ASN A 243 -10.02 0.74 -0.92
N THR A 244 -10.66 1.79 -0.41
CA THR A 244 -11.74 1.61 0.55
C THR A 244 -12.97 2.47 0.34
N ASN A 245 -13.01 3.28 -0.73
CA ASN A 245 -14.20 4.11 -0.92
C ASN A 245 -15.46 3.29 -1.13
N TRP A 246 -15.30 2.06 -1.61
CA TRP A 246 -16.45 1.17 -1.83
C TRP A 246 -17.10 0.75 -0.49
N LEU A 247 -16.40 1.00 0.61
CA LEU A 247 -16.88 0.66 1.95
C LEU A 247 -17.50 1.84 2.66
N GLU A 248 -17.56 2.96 1.96
CA GLU A 248 -18.11 4.18 2.51
C GLU A 248 -19.47 3.92 3.20
N GLY A 249 -19.55 4.22 4.50
CA GLY A 249 -20.78 4.02 5.26
C GLY A 249 -20.97 2.62 5.85
N ALA A 250 -20.22 1.61 5.38
CA ALA A 250 -20.33 0.25 5.90
C ALA A 250 -19.36 0.02 7.07
N VAL A 251 -18.15 0.54 6.96
CA VAL A 251 -17.19 0.41 8.07
C VAL A 251 -16.49 1.75 8.23
N GLU A 252 -16.24 2.09 9.46
CA GLU A 252 -15.57 3.35 9.80
C GLU A 252 -14.20 3.42 9.12
N ARG A 253 -13.82 4.63 8.82
CA ARG A 253 -12.51 4.91 8.23
C ARG A 253 -12.02 6.19 8.89
N ASN A 254 -10.70 6.35 8.94
CA ASN A 254 -10.12 7.54 9.55
C ASN A 254 -10.09 8.68 8.49
N ARG A 255 -9.45 9.79 8.82
CA ARG A 255 -9.46 10.92 7.89
C ARG A 255 -8.69 10.75 6.61
N MET A 256 -7.89 9.68 6.57
CA MET A 256 -7.07 9.37 5.41
C MET A 256 -7.66 8.22 4.59
N GLY A 257 -8.86 7.76 4.98
CA GLY A 257 -9.58 6.75 4.20
C GLY A 257 -9.19 5.34 4.63
N GLU A 258 -8.32 5.24 5.63
CA GLU A 258 -7.88 3.94 6.11
C GLU A 258 -8.95 3.32 7.00
N ILE A 259 -9.16 2.02 6.87
CA ILE A 259 -10.14 1.33 7.70
C ILE A 259 -9.62 1.30 9.12
N ILE A 260 -10.42 1.79 10.06
CA ILE A 260 -10.02 1.80 11.45
C ILE A 260 -10.05 0.39 12.05
N ILE A 261 -8.92 -0.01 12.63
CA ILE A 261 -8.85 -1.32 13.25
C ILE A 261 -8.19 -1.18 14.60
N ASP A 262 -8.50 -2.13 15.48
CA ASP A 262 -7.84 -2.16 16.77
C ASP A 262 -6.68 -3.14 16.59
N ALA A 263 -6.02 -3.55 17.69
CA ALA A 263 -4.89 -4.46 17.57
C ALA A 263 -5.24 -5.81 16.99
N LYS A 264 -6.49 -6.22 17.17
CA LYS A 264 -6.99 -7.51 16.67
C LYS A 264 -7.52 -7.41 15.23
N CYS A 265 -7.34 -6.24 14.61
CA CYS A 265 -7.78 -5.99 13.24
C CYS A 265 -9.31 -5.95 13.07
N GLU A 266 -10.02 -5.73 14.18
CA GLU A 266 -11.47 -5.66 14.16
C GLU A 266 -11.91 -4.27 13.72
N THR A 267 -12.92 -4.21 12.87
CA THR A 267 -13.48 -2.93 12.44
C THR A 267 -14.63 -2.66 13.42
N ASN A 268 -15.42 -1.64 13.17
CA ASN A 268 -16.57 -1.33 14.03
C ASN A 268 -17.75 -2.26 13.72
N VAL A 269 -17.61 -3.09 12.70
CA VAL A 269 -18.67 -4.06 12.38
C VAL A 269 -18.23 -5.43 12.87
N LYS A 270 -19.03 -6.05 13.73
CA LYS A 270 -18.68 -7.38 14.26
C LYS A 270 -18.56 -8.40 13.14
N GLY A 271 -17.48 -9.16 13.17
CA GLY A 271 -17.26 -10.16 12.15
C GLY A 271 -16.58 -9.63 10.91
N VAL A 272 -16.29 -8.33 10.87
CA VAL A 272 -15.61 -7.72 9.73
C VAL A 272 -14.28 -7.22 10.26
N PHE A 273 -13.22 -7.71 9.63
CA PHE A 273 -11.86 -7.36 10.03
C PHE A 273 -11.18 -6.77 8.82
N ALA A 274 -9.98 -6.24 9.02
CA ALA A 274 -9.24 -5.64 7.93
C ALA A 274 -7.75 -5.79 8.22
N ALA A 275 -6.97 -5.92 7.16
CA ALA A 275 -5.53 -6.11 7.29
C ALA A 275 -4.75 -5.47 6.18
N GLY A 276 -3.58 -4.94 6.52
CA GLY A 276 -2.70 -4.38 5.51
C GLY A 276 -2.79 -2.90 5.22
N ASP A 277 -2.27 -2.49 4.08
CA ASP A 277 -2.24 -1.09 3.71
C ASP A 277 -3.56 -0.35 3.72
N CYS A 278 -4.68 -1.06 3.54
CA CYS A 278 -5.97 -0.40 3.56
C CYS A 278 -6.43 0.03 4.95
N THR A 279 -5.71 -0.43 5.99
CA THR A 279 -6.09 -0.11 7.36
C THR A 279 -5.26 1.00 7.94
N THR A 280 -5.54 1.33 9.19
CA THR A 280 -4.81 2.34 9.93
C THR A 280 -3.40 1.88 10.35
N VAL A 281 -2.98 0.67 9.96
CA VAL A 281 -1.62 0.22 10.30
C VAL A 281 -0.72 1.38 9.83
N PRO A 282 0.11 1.93 10.75
CA PRO A 282 1.00 3.08 10.48
C PRO A 282 2.04 3.02 9.38
N TYR A 283 2.51 1.82 9.04
CA TYR A 283 3.52 1.64 8.01
C TYR A 283 3.00 0.68 6.97
N LYS A 284 3.47 0.85 5.75
CA LYS A 284 3.00 0.10 4.61
C LYS A 284 4.15 -0.67 3.99
N GLN A 285 4.27 -1.93 4.36
CA GLN A 285 5.33 -2.80 3.87
C GLN A 285 4.79 -4.21 3.70
N ILE A 286 5.50 -5.02 2.94
CA ILE A 286 5.05 -6.41 2.72
C ILE A 286 5.05 -7.22 4.02
N ILE A 287 6.18 -7.18 4.73
CA ILE A 287 6.29 -7.97 5.96
C ILE A 287 5.28 -7.50 6.99
N ILE A 288 4.95 -6.20 6.97
CA ILE A 288 3.97 -5.66 7.92
C ILE A 288 2.57 -6.14 7.53
N ALA A 289 2.29 -6.08 6.24
CA ALA A 289 1.01 -6.53 5.71
C ALA A 289 0.78 -8.02 5.96
N THR A 290 1.82 -8.84 5.79
CA THR A 290 1.65 -10.27 6.01
C THR A 290 1.35 -10.55 7.48
N GLY A 291 2.05 -9.85 8.38
CA GLY A 291 1.79 -10.05 9.79
C GLY A 291 0.35 -9.64 10.12
N GLU A 292 -0.13 -8.56 9.53
CA GLU A 292 -1.50 -8.10 9.78
C GLU A 292 -2.53 -9.10 9.28
N GLY A 293 -2.29 -9.68 8.11
CA GLY A 293 -3.23 -10.65 7.56
C GLY A 293 -3.36 -11.84 8.50
N ALA A 294 -2.23 -12.30 9.03
CA ALA A 294 -2.23 -13.41 9.98
C ALA A 294 -3.07 -13.05 11.19
N LYS A 295 -2.84 -11.85 11.74
CA LYS A 295 -3.64 -11.39 12.89
C LYS A 295 -5.12 -11.37 12.58
N ALA A 296 -5.49 -10.77 11.44
CA ALA A 296 -6.91 -10.69 11.09
C ALA A 296 -7.54 -12.07 10.94
N SER A 297 -6.80 -13.00 10.34
CA SER A 297 -7.28 -14.37 10.17
C SER A 297 -7.56 -15.00 11.54
N LEU A 298 -6.61 -14.85 12.46
CA LEU A 298 -6.77 -15.38 13.80
C LEU A 298 -7.97 -14.73 14.53
N SER A 299 -8.19 -13.45 14.31
CA SER A 299 -9.31 -12.77 14.95
C SER A 299 -10.62 -13.26 14.35
N ALA A 300 -10.65 -13.44 13.04
CA ALA A 300 -11.85 -13.90 12.37
C ALA A 300 -12.19 -15.31 12.90
N PHE A 301 -11.17 -16.11 13.16
CA PHE A 301 -11.44 -17.45 13.67
C PHE A 301 -12.04 -17.36 15.08
N ASP A 302 -11.46 -16.49 15.90
CA ASP A 302 -11.94 -16.29 17.27
C ASP A 302 -13.42 -15.84 17.22
N TYR A 303 -13.72 -14.93 16.29
CA TYR A 303 -15.08 -14.45 16.13
C TYR A 303 -16.02 -15.59 15.76
N LEU A 304 -15.62 -16.43 14.81
CA LEU A 304 -16.46 -17.55 14.40
C LEU A 304 -16.80 -18.50 15.54
N ILE A 305 -15.81 -18.83 16.36
CA ILE A 305 -16.11 -19.75 17.45
C ILE A 305 -16.92 -19.13 18.58
N ARG A 306 -16.83 -17.81 18.74
CA ARG A 306 -17.59 -17.13 19.79
C ARG A 306 -19.02 -16.75 19.38
N THR A 307 -19.34 -16.82 18.10
CA THR A 307 -20.67 -16.41 17.70
C THR A 307 -21.52 -17.51 17.06
N LYS A 308 -22.78 -17.55 17.46
CA LYS A 308 -23.67 -18.56 16.95
C LYS A 308 -24.26 -18.14 15.60
N THR A 309 -24.22 -19.07 14.65
CA THR A 309 -24.71 -18.84 13.30
C THR A 309 -26.20 -18.52 13.29
N ALA A 310 -26.55 -17.43 12.62
CA ALA A 310 -27.94 -16.96 12.51
C ALA A 310 -28.45 -16.48 13.86
S SO4 B . -11.94 2.46 -4.00
O1 SO4 B . -13.31 2.04 -3.70
O2 SO4 B . -11.02 1.32 -3.97
O3 SO4 B . -11.90 3.04 -5.36
O4 SO4 B . -11.48 3.48 -3.04
S SO4 C . -4.90 18.47 9.60
O1 SO4 C . -5.36 17.48 10.59
O2 SO4 C . -4.35 19.62 10.31
O3 SO4 C . -3.90 17.86 8.73
O4 SO4 C . -6.00 18.91 8.75
S SO4 D . 2.62 21.24 13.08
O1 SO4 D . 3.69 20.41 13.65
O2 SO4 D . 2.59 22.53 13.79
O3 SO4 D . 2.89 21.45 11.66
O4 SO4 D . 1.35 20.53 13.27
S SO4 E . 25.87 20.44 -3.71
O1 SO4 E . 27.00 20.36 -2.80
O2 SO4 E . 25.84 21.77 -4.35
O3 SO4 E . 26.09 19.44 -4.74
O4 SO4 E . 24.57 20.20 -3.08
S SO4 F . -6.56 -1.80 20.80
O1 SO4 F . -6.59 -1.45 22.22
O2 SO4 F . -6.09 -0.57 20.09
O3 SO4 F . -5.54 -2.76 20.44
O4 SO4 F . -7.88 -2.22 20.33
PA FAD G . -1.74 -4.69 -1.72
O1A FAD G . -2.14 -3.40 -2.29
O2A FAD G . -0.57 -5.31 -2.10
O5B FAD G . -2.82 -5.59 -2.32
C5B FAD G . -4.28 -5.33 -2.22
C4B FAD G . -4.89 -6.15 -3.39
O4B FAD G . -6.35 -5.96 -3.34
C3B FAD G . -4.47 -5.71 -4.82
O3B FAD G . -4.25 -6.73 -5.74
C2B FAD G . -5.60 -4.77 -5.17
O2B FAD G . -5.74 -4.53 -6.55
C1B FAD G . -6.76 -5.58 -4.69
N9A FAD G . -8.01 -4.85 -4.54
C8A FAD G . -8.15 -3.49 -4.42
N7A FAD G . -9.42 -3.11 -4.32
C5A FAD G . -10.15 -4.27 -4.38
C6A FAD G . -11.59 -4.53 -4.33
N6A FAD G . -12.52 -3.62 -4.20
N1A FAD G . -11.92 -5.83 -4.41
C2A FAD G . -11.00 -6.82 -4.53
N3A FAD G . -9.68 -6.68 -4.58
C4A FAD G . -9.30 -5.39 -4.51
N1 FAD G . 7.10 -3.15 0.55
C2 FAD G . 8.15 -3.76 1.08
O2 FAD G . 8.13 -4.17 2.23
N3 FAD G . 9.34 -3.97 0.34
C4 FAD G . 9.48 -3.54 -0.96
O4 FAD G . 10.50 -3.73 -1.56
C4X FAD G . 8.32 -2.89 -1.55
N5 FAD G . 8.38 -2.45 -2.84
C5X FAD G . 7.27 -1.84 -3.34
C6 FAD G . 7.30 -1.40 -4.67
C7 FAD G . 6.21 -0.77 -5.23
C7M FAD G . 6.26 -0.31 -6.67
C8 FAD G . 5.03 -0.54 -4.45
C8M FAD G . 3.82 0.15 -5.03
C9 FAD G . 4.98 -0.98 -3.13
C9A FAD G . 6.10 -1.61 -2.58
N10 FAD G . 6.09 -2.09 -1.26
C10 FAD G . 7.16 -2.69 -0.73
C1' FAD G . 4.85 -1.87 -0.50
C2' FAD G . 4.14 -3.24 -0.40
O2' FAD G . 3.99 -3.78 -1.71
C3' FAD G . 2.79 -3.06 0.26
O3' FAD G . 2.93 -2.52 1.56
C4' FAD G . 2.07 -4.41 0.35
O4' FAD G . 1.91 -5.07 -0.93
C5' FAD G . 0.73 -4.12 1.00
O5' FAD G . -0.07 -5.47 1.06
P FAD G . -1.58 -5.50 1.01
O1P FAD G . -2.02 -4.74 2.26
O2P FAD G . -2.05 -6.80 0.89
O3P FAD G . -2.12 -4.81 -0.20
#